data_1R2B
#
_entry.id   1R2B
#
_cell.length_a   54.228
_cell.length_b   38.543
_cell.length_c   76.659
_cell.angle_alpha   90.00
_cell.angle_beta   92.92
_cell.angle_gamma   90.00
#
_symmetry.space_group_name_H-M   'P 1 21 1'
#
loop_
_entity.id
_entity.type
_entity.pdbx_description
1 polymer 'B-cell lymphoma 6 protein'
2 polymer 'Nuclear receptor co-repressor 2'
3 water water
#
loop_
_entity_poly.entity_id
_entity_poly.type
_entity_poly.pdbx_seq_one_letter_code
_entity_poly.pdbx_strand_id
1 'polypeptide(L)'
;GSADSQIQFTRHASDVLLNLNRLRSRDILTDVVIVVSREQFRAHKTVLMACSGLFYSIFTDQLKRNLSVINLDPEINPEG
FNILLDFMYTSRLNLREGNIMAVMATAMYLQMEHVVDTCRKFIKASE
;
A,B
2 'polypeptide(L)' GSLVATVKEAGRSIHEIPR C,D
#
# COMPACT_ATOMS: atom_id res chain seq x y z
N ALA A 3 -0.17 -1.42 31.97
CA ALA A 3 0.25 -2.46 30.99
C ALA A 3 -0.12 -2.02 29.57
N ASP A 4 0.90 -1.90 28.73
CA ASP A 4 0.69 -1.50 27.34
C ASP A 4 1.12 -2.68 26.48
N SER A 5 0.39 -2.90 25.41
CA SER A 5 0.68 -4.02 24.52
C SER A 5 0.55 -3.58 23.06
N GLN A 6 1.17 -4.37 22.17
CA GLN A 6 1.13 -4.09 20.74
C GLN A 6 0.94 -5.35 19.93
N ILE A 7 -0.02 -5.32 19.03
CA ILE A 7 -0.33 -6.46 18.17
C ILE A 7 0.21 -6.16 16.78
N GLN A 8 1.10 -7.04 16.33
CA GLN A 8 1.74 -6.90 15.03
C GLN A 8 1.12 -7.86 14.02
N PHE A 9 0.43 -7.30 13.03
CA PHE A 9 -0.23 -8.09 11.99
C PHE A 9 0.76 -8.36 10.87
N THR A 10 1.32 -9.55 10.92
CA THR A 10 2.34 -9.93 9.97
C THR A 10 1.96 -9.97 8.48
N ARG A 11 0.67 -10.09 8.14
CA ARG A 11 0.28 -10.11 6.73
C ARG A 11 -0.53 -8.87 6.32
N HIS A 12 -0.59 -7.91 7.25
CA HIS A 12 -1.32 -6.66 7.03
C HIS A 12 -0.84 -5.91 5.80
N ALA A 13 0.48 -5.65 5.71
CA ALA A 13 1.00 -4.90 4.57
C ALA A 13 0.64 -5.66 3.30
N SER A 14 0.73 -6.98 3.33
CA SER A 14 0.40 -7.75 2.16
C SER A 14 -1.10 -7.67 1.84
N ASP A 15 -1.96 -7.64 2.86
CA ASP A 15 -3.40 -7.55 2.61
C ASP A 15 -3.74 -6.17 2.07
N VAL A 16 -3.02 -5.16 2.54
CA VAL A 16 -3.25 -3.80 2.05
C VAL A 16 -2.82 -3.74 0.56
N LEU A 17 -1.65 -4.28 0.23
CA LEU A 17 -1.18 -4.24 -1.15
C LEU A 17 -2.12 -5.01 -2.06
N LEU A 18 -2.66 -6.13 -1.60
CA LEU A 18 -3.59 -6.87 -2.43
C LEU A 18 -4.83 -6.02 -2.70
N ASN A 19 -5.36 -5.39 -1.67
CA ASN A 19 -6.55 -4.58 -1.87
C ASN A 19 -6.30 -3.40 -2.79
N LEU A 20 -5.08 -2.87 -2.79
CA LEU A 20 -4.75 -1.75 -3.64
C LEU A 20 -4.71 -2.21 -5.10
N ASN A 21 -4.25 -3.44 -5.30
CA ASN A 21 -4.18 -4.00 -6.65
C ASN A 21 -5.61 -4.19 -7.15
N ARG A 22 -6.46 -4.71 -6.27
CA ARG A 22 -7.85 -4.92 -6.59
C ARG A 22 -8.44 -3.59 -7.02
N LEU A 23 -8.16 -2.54 -6.26
CA LEU A 23 -8.67 -1.21 -6.61
C LEU A 23 -8.18 -0.81 -8.00
N ARG A 24 -6.94 -1.16 -8.31
CA ARG A 24 -6.37 -0.82 -9.62
C ARG A 24 -7.11 -1.57 -10.74
N SER A 25 -7.31 -2.87 -10.57
CA SER A 25 -8.00 -3.68 -11.55
C SER A 25 -9.45 -3.19 -11.79
N ARG A 26 -10.13 -2.79 -10.72
CA ARG A 26 -11.51 -2.27 -10.85
C ARG A 26 -11.48 -0.78 -11.19
N ASP A 27 -10.27 -0.27 -11.43
CA ASP A 27 -10.06 1.13 -11.77
C ASP A 27 -10.67 2.08 -10.74
N ILE A 28 -10.58 1.71 -9.47
CA ILE A 28 -11.15 2.54 -8.42
C ILE A 28 -10.15 3.51 -7.80
N LEU A 29 -10.55 4.79 -7.77
CA LEU A 29 -9.74 5.86 -7.19
C LEU A 29 -8.40 6.04 -7.90
N THR A 30 -8.24 5.41 -9.06
CA THR A 30 -7.02 5.54 -9.83
C THR A 30 -6.99 7.01 -10.30
N ASP A 31 -5.85 7.66 -10.14
CA ASP A 31 -5.74 9.07 -10.49
C ASP A 31 -4.73 9.49 -11.54
N VAL A 32 -4.21 8.53 -12.30
CA VAL A 32 -3.23 8.86 -13.33
C VAL A 32 -3.10 7.74 -14.35
N VAL A 33 -2.71 8.09 -15.57
CA VAL A 33 -2.53 7.11 -16.63
C VAL A 33 -1.10 7.30 -17.10
N ILE A 34 -0.38 6.19 -17.29
CA ILE A 34 0.99 6.25 -17.74
C ILE A 34 1.02 5.73 -19.16
N VAL A 35 1.59 6.52 -20.06
CA VAL A 35 1.64 6.13 -21.45
C VAL A 35 3.01 5.69 -21.89
N VAL A 36 3.07 4.45 -22.38
CA VAL A 36 4.30 3.84 -22.88
C VAL A 36 3.96 3.45 -24.31
N SER A 37 4.61 4.12 -25.27
CA SER A 37 4.31 3.91 -26.68
C SER A 37 2.83 4.22 -26.80
N ARG A 38 2.07 3.33 -27.42
CA ARG A 38 0.64 3.60 -27.56
C ARG A 38 -0.22 2.95 -26.48
N GLU A 39 0.44 2.28 -25.54
CA GLU A 39 -0.28 1.61 -24.46
C GLU A 39 -0.42 2.44 -23.19
N GLN A 40 -1.60 2.32 -22.58
CA GLN A 40 -1.93 3.04 -21.36
C GLN A 40 -1.97 2.10 -20.17
N PHE A 41 -1.75 2.66 -18.98
CA PHE A 41 -1.79 1.90 -17.74
C PHE A 41 -2.35 2.81 -16.66
N ARG A 42 -3.49 2.43 -16.09
CA ARG A 42 -4.13 3.20 -15.03
C ARG A 42 -3.43 2.83 -13.71
N ALA A 43 -3.36 3.78 -12.77
CA ALA A 43 -2.68 3.52 -11.50
C ALA A 43 -2.90 4.59 -10.45
N HIS A 44 -2.30 4.40 -9.28
CA HIS A 44 -2.39 5.34 -8.18
C HIS A 44 -1.02 5.95 -8.00
N LYS A 45 -0.97 7.28 -8.02
CA LYS A 45 0.29 8.01 -7.88
C LYS A 45 1.01 7.63 -6.61
N THR A 46 0.29 7.55 -5.51
CA THR A 46 0.90 7.17 -4.23
C THR A 46 1.68 5.85 -4.31
N VAL A 47 1.14 4.84 -5.00
CA VAL A 47 1.82 3.56 -5.15
C VAL A 47 3.03 3.74 -6.07
N LEU A 48 2.82 4.41 -7.19
CA LEU A 48 3.90 4.67 -8.13
C LEU A 48 5.05 5.40 -7.42
N MET A 49 4.71 6.40 -6.62
CA MET A 49 5.70 7.17 -5.88
C MET A 49 6.42 6.32 -4.83
N ALA A 50 5.66 5.47 -4.15
CA ALA A 50 6.23 4.62 -3.12
C ALA A 50 7.27 3.68 -3.71
N CYS A 51 7.07 3.30 -4.97
CA CYS A 51 7.97 2.34 -5.62
C CYS A 51 9.05 2.86 -6.58
N SER A 52 8.82 4.02 -7.19
CA SER A 52 9.79 4.54 -8.15
C SER A 52 10.35 5.91 -7.79
N GLY A 53 11.68 6.02 -7.74
CA GLY A 53 12.31 7.31 -7.43
C GLY A 53 11.90 8.34 -8.46
N LEU A 54 11.73 7.88 -9.70
CA LEU A 54 11.31 8.73 -10.78
C LEU A 54 9.90 9.27 -10.55
N PHE A 55 8.91 8.40 -10.47
CA PHE A 55 7.54 8.85 -10.24
C PHE A 55 7.47 9.72 -8.99
N TYR A 56 8.39 9.48 -8.06
CA TYR A 56 8.41 10.29 -6.85
C TYR A 56 8.71 11.75 -7.25
N SER A 57 9.70 11.92 -8.13
CA SER A 57 10.08 13.25 -8.59
C SER A 57 8.99 13.88 -9.42
N ILE A 58 8.48 13.13 -10.38
CA ILE A 58 7.43 13.60 -11.27
C ILE A 58 6.24 14.15 -10.50
N PHE A 59 5.77 13.39 -9.53
CA PHE A 59 4.60 13.81 -8.75
C PHE A 59 4.96 14.74 -7.61
N THR A 60 6.25 15.04 -7.49
CA THR A 60 6.75 15.96 -6.49
C THR A 60 6.93 17.31 -7.18
N ASP A 61 7.00 17.25 -8.50
CA ASP A 61 7.18 18.40 -9.38
C ASP A 61 5.88 19.23 -9.47
N GLN A 62 5.89 20.42 -8.86
CA GLN A 62 4.71 21.28 -8.86
C GLN A 62 4.05 21.49 -10.21
N LEU A 63 4.83 21.51 -11.29
CA LEU A 63 4.22 21.70 -12.60
C LEU A 63 3.78 20.42 -13.31
N LYS A 64 3.98 19.27 -12.67
CA LYS A 64 3.57 17.99 -13.23
C LYS A 64 2.86 17.12 -12.21
N ARG A 65 2.52 17.72 -11.06
CA ARG A 65 1.83 17.04 -9.96
C ARG A 65 0.35 16.80 -10.20
N ASN A 66 -0.39 17.85 -10.55
CA ASN A 66 -1.81 17.72 -10.80
C ASN A 66 -2.07 17.22 -12.21
N LEU A 67 -1.01 16.77 -12.86
CA LEU A 67 -1.07 16.23 -14.20
C LEU A 67 -1.78 14.87 -14.10
N SER A 68 -2.69 14.59 -15.03
CA SER A 68 -3.41 13.33 -15.01
C SER A 68 -2.87 12.30 -15.99
N VAL A 69 -1.91 12.72 -16.83
CA VAL A 69 -1.32 11.79 -17.79
C VAL A 69 0.20 11.96 -17.82
N ILE A 70 0.91 10.87 -18.08
CA ILE A 70 2.38 10.88 -18.13
C ILE A 70 2.94 9.93 -19.18
N ASN A 71 3.77 10.48 -20.05
CA ASN A 71 4.41 9.71 -21.11
C ASN A 71 5.82 9.41 -20.63
N LEU A 72 6.47 8.47 -21.28
CA LEU A 72 7.83 8.08 -20.91
C LEU A 72 8.66 7.97 -22.18
N ASP A 73 9.95 7.65 -22.05
CA ASP A 73 10.79 7.49 -23.23
C ASP A 73 10.07 6.52 -24.14
N PRO A 74 9.89 6.89 -25.41
CA PRO A 74 9.20 6.03 -26.37
C PRO A 74 9.97 4.75 -26.63
N GLU A 75 11.22 4.72 -26.18
CA GLU A 75 12.05 3.54 -26.40
C GLU A 75 11.89 2.54 -25.25
N ILE A 76 11.02 2.86 -24.29
CA ILE A 76 10.75 1.98 -23.17
C ILE A 76 9.62 1.04 -23.55
N ASN A 77 9.94 -0.22 -23.80
CA ASN A 77 8.94 -1.21 -24.19
C ASN A 77 7.88 -1.38 -23.12
N PRO A 78 6.61 -1.56 -23.53
CA PRO A 78 5.45 -1.73 -22.66
C PRO A 78 5.49 -2.96 -21.74
N GLU A 79 6.00 -4.07 -22.27
CA GLU A 79 6.08 -5.32 -21.52
C GLU A 79 6.90 -5.12 -20.25
N GLY A 80 8.17 -4.76 -20.42
CA GLY A 80 9.06 -4.55 -19.30
C GLY A 80 8.43 -3.64 -18.26
N PHE A 81 7.72 -2.63 -18.73
CA PHE A 81 7.06 -1.70 -17.84
C PHE A 81 5.87 -2.30 -17.11
N ASN A 82 5.14 -3.16 -17.81
CA ASN A 82 3.96 -3.79 -17.25
C ASN A 82 4.40 -4.75 -16.14
N ILE A 83 5.52 -5.39 -16.35
CA ILE A 83 6.06 -6.32 -15.36
C ILE A 83 6.42 -5.56 -14.09
N LEU A 84 6.99 -4.38 -14.25
CA LEU A 84 7.38 -3.57 -13.09
C LEU A 84 6.17 -3.04 -12.34
N LEU A 85 5.14 -2.64 -13.08
CA LEU A 85 3.93 -2.11 -12.47
C LEU A 85 3.24 -3.21 -11.66
N ASP A 86 3.24 -4.43 -12.19
CA ASP A 86 2.63 -5.55 -11.51
C ASP A 86 3.39 -5.79 -10.23
N PHE A 87 4.72 -5.85 -10.36
CA PHE A 87 5.60 -6.04 -9.21
C PHE A 87 5.25 -5.06 -8.09
N MET A 88 5.08 -3.79 -8.47
CA MET A 88 4.74 -2.72 -7.54
C MET A 88 3.50 -3.03 -6.73
N TYR A 89 2.51 -3.58 -7.42
CA TYR A 89 1.24 -3.93 -6.82
C TYR A 89 1.13 -5.37 -6.29
N THR A 90 2.14 -6.22 -6.50
CA THR A 90 2.08 -7.61 -6.02
C THR A 90 3.32 -8.21 -5.30
N SER A 91 4.44 -7.49 -5.29
CA SER A 91 5.71 -7.98 -4.72
C SER A 91 6.31 -9.07 -5.61
N ARG A 92 5.64 -9.34 -6.71
CA ARG A 92 6.13 -10.38 -7.60
C ARG A 92 6.63 -9.85 -8.94
N LEU A 93 7.84 -10.28 -9.31
CA LEU A 93 8.46 -9.84 -10.56
C LEU A 93 8.53 -11.04 -11.51
N ASN A 94 7.61 -11.06 -12.46
CA ASN A 94 7.53 -12.13 -13.43
C ASN A 94 8.49 -11.92 -14.57
N LEU A 95 9.38 -12.88 -14.75
CA LEU A 95 10.39 -12.79 -15.80
C LEU A 95 10.41 -13.96 -16.75
N ARG A 96 11.17 -13.73 -17.83
CA ARG A 96 11.43 -14.68 -18.88
C ARG A 96 12.88 -14.35 -19.19
N GLU A 97 13.62 -15.35 -19.61
CA GLU A 97 15.03 -15.15 -19.95
C GLU A 97 15.11 -14.09 -21.03
N GLY A 98 14.08 -14.06 -21.88
CA GLY A 98 14.02 -13.12 -22.97
C GLY A 98 13.68 -11.68 -22.66
N ASN A 99 13.18 -11.38 -21.46
CA ASN A 99 12.83 -9.99 -21.14
C ASN A 99 13.49 -9.41 -19.89
N ILE A 100 14.33 -10.21 -19.23
CA ILE A 100 14.96 -9.74 -18.02
C ILE A 100 15.80 -8.49 -18.24
N MET A 101 16.51 -8.42 -19.37
CA MET A 101 17.34 -7.26 -19.66
C MET A 101 16.47 -6.02 -19.87
N ALA A 102 15.39 -6.17 -20.61
CA ALA A 102 14.48 -5.05 -20.82
C ALA A 102 13.86 -4.63 -19.47
N VAL A 103 13.66 -5.62 -18.60
CA VAL A 103 13.06 -5.32 -17.30
C VAL A 103 14.07 -4.56 -16.44
N MET A 104 15.30 -5.06 -16.43
CA MET A 104 16.36 -4.45 -15.67
C MET A 104 16.62 -3.04 -16.18
N ALA A 105 16.57 -2.87 -17.50
CA ALA A 105 16.80 -1.56 -18.09
C ALA A 105 15.68 -0.62 -17.69
N THR A 106 14.45 -1.11 -17.76
CA THR A 106 13.27 -0.30 -17.40
C THR A 106 13.25 0.14 -15.94
N ALA A 107 13.65 -0.74 -15.03
CA ALA A 107 13.67 -0.43 -13.60
C ALA A 107 14.69 0.67 -13.33
N MET A 108 15.84 0.55 -13.97
CA MET A 108 16.90 1.53 -13.82
C MET A 108 16.38 2.90 -14.25
N TYR A 109 15.61 2.91 -15.33
CA TYR A 109 14.97 4.12 -15.85
C TYR A 109 13.98 4.67 -14.83
N LEU A 110 13.22 3.77 -14.20
CA LEU A 110 12.23 4.18 -13.20
C LEU A 110 12.86 4.47 -11.86
N GLN A 111 14.18 4.37 -11.80
CA GLN A 111 14.90 4.61 -10.55
C GLN A 111 14.49 3.62 -9.44
N MET A 112 14.51 2.35 -9.78
CA MET A 112 14.19 1.29 -8.84
C MET A 112 15.48 0.48 -8.77
N GLU A 113 16.43 1.02 -8.01
CA GLU A 113 17.76 0.43 -7.88
C GLU A 113 17.80 -0.94 -7.20
N HIS A 114 16.99 -1.12 -6.18
CA HIS A 114 16.95 -2.41 -5.51
C HIS A 114 16.49 -3.50 -6.48
N VAL A 115 15.53 -3.20 -7.33
CA VAL A 115 15.08 -4.19 -8.29
C VAL A 115 16.21 -4.48 -9.32
N VAL A 116 16.94 -3.44 -9.73
CA VAL A 116 18.05 -3.65 -10.69
C VAL A 116 19.03 -4.61 -10.05
N ASP A 117 19.40 -4.31 -8.80
CA ASP A 117 20.36 -5.14 -8.09
C ASP A 117 19.89 -6.57 -7.88
N THR A 118 18.57 -6.78 -7.69
CA THR A 118 18.05 -8.13 -7.48
C THR A 118 18.18 -8.94 -8.78
N CYS A 119 17.88 -8.28 -9.89
CA CYS A 119 18.03 -8.88 -11.22
C CYS A 119 19.49 -9.35 -11.40
N ARG A 120 20.43 -8.50 -10.97
CA ARG A 120 21.85 -8.82 -11.04
C ARG A 120 22.11 -10.09 -10.23
N LYS A 121 21.57 -10.13 -9.01
CA LYS A 121 21.74 -11.30 -8.15
C LYS A 121 21.15 -12.53 -8.83
N PHE A 122 20.04 -12.34 -9.54
CA PHE A 122 19.37 -13.43 -10.25
C PHE A 122 20.25 -13.95 -11.41
N ILE A 123 20.83 -13.02 -12.17
CA ILE A 123 21.73 -13.35 -13.29
C ILE A 123 22.85 -14.21 -12.70
N LYS A 124 23.40 -13.72 -11.58
CA LYS A 124 24.49 -14.37 -10.86
C LYS A 124 24.23 -15.79 -10.48
N ALA A 125 22.99 -16.09 -10.11
CA ALA A 125 22.65 -17.44 -9.68
C ALA A 125 22.08 -18.33 -10.77
N SER A 126 21.76 -17.74 -11.93
CA SER A 126 21.16 -18.52 -13.01
C SER A 126 22.00 -19.68 -13.54
N GLU A 127 21.30 -20.70 -14.05
CA GLU A 127 21.89 -21.93 -14.59
C GLU A 127 22.22 -22.94 -13.48
N ASP B 4 10.81 -19.03 -17.76
CA ASP B 4 9.77 -18.36 -16.91
C ASP B 4 10.10 -18.42 -15.41
N SER B 5 10.26 -17.24 -14.80
CA SER B 5 10.62 -17.16 -13.41
C SER B 5 9.84 -16.07 -12.69
N GLN B 6 9.86 -16.12 -11.37
CA GLN B 6 9.17 -15.15 -10.53
C GLN B 6 10.00 -14.90 -9.27
N ILE B 7 10.46 -13.66 -9.13
CA ILE B 7 11.20 -13.27 -7.95
C ILE B 7 10.14 -12.69 -7.00
N GLN B 8 10.07 -13.26 -5.80
CA GLN B 8 9.09 -12.84 -4.77
C GLN B 8 9.82 -12.05 -3.70
N PHE B 9 9.48 -10.76 -3.63
CA PHE B 9 10.07 -9.82 -2.69
C PHE B 9 9.28 -9.90 -1.42
N THR B 10 9.82 -10.64 -0.45
CA THR B 10 9.10 -10.86 0.80
C THR B 10 8.85 -9.68 1.73
N ARG B 11 9.57 -8.59 1.56
CA ARG B 11 9.32 -7.40 2.39
C ARG B 11 8.78 -6.22 1.58
N HIS B 12 8.52 -6.47 0.30
CA HIS B 12 8.01 -5.42 -0.59
C HIS B 12 6.75 -4.70 -0.07
N ALA B 13 5.71 -5.46 0.26
CA ALA B 13 4.47 -4.88 0.78
C ALA B 13 4.78 -4.00 2.01
N SER B 14 5.62 -4.49 2.90
CA SER B 14 5.96 -3.72 4.08
C SER B 14 6.72 -2.44 3.73
N ASP B 15 7.66 -2.51 2.77
CA ASP B 15 8.38 -1.29 2.35
C ASP B 15 7.39 -0.33 1.67
N VAL B 16 6.46 -0.86 0.89
CA VAL B 16 5.48 0.01 0.26
C VAL B 16 4.67 0.70 1.37
N LEU B 17 4.15 -0.06 2.33
CA LEU B 17 3.35 0.51 3.41
C LEU B 17 4.10 1.58 4.21
N LEU B 18 5.39 1.36 4.47
CA LEU B 18 6.15 2.35 5.20
C LEU B 18 6.24 3.64 4.39
N ASN B 19 6.50 3.51 3.09
CA ASN B 19 6.59 4.69 2.24
C ASN B 19 5.26 5.42 2.17
N LEU B 20 4.15 4.70 2.36
CA LEU B 20 2.88 5.38 2.31
C LEU B 20 2.70 6.15 3.61
N ASN B 21 3.24 5.63 4.70
CA ASN B 21 3.12 6.33 5.97
C ASN B 21 4.02 7.55 5.97
N ARG B 22 5.14 7.44 5.26
CA ARG B 22 6.03 8.59 5.17
C ARG B 22 5.25 9.72 4.48
N LEU B 23 4.64 9.43 3.32
CA LEU B 23 3.85 10.44 2.61
C LEU B 23 2.82 11.05 3.57
N ARG B 24 2.16 10.19 4.33
CA ARG B 24 1.16 10.63 5.28
C ARG B 24 1.75 11.70 6.21
N SER B 25 2.83 11.36 6.90
CA SER B 25 3.48 12.29 7.82
C SER B 25 4.01 13.56 7.16
N ARG B 26 4.40 13.47 5.89
CA ARG B 26 4.90 14.65 5.19
C ARG B 26 3.75 15.26 4.42
N ASP B 27 2.55 14.82 4.78
CA ASP B 27 1.32 15.29 4.17
C ASP B 27 1.40 15.39 2.66
N ILE B 28 1.95 14.36 2.02
CA ILE B 28 2.08 14.32 0.57
C ILE B 28 1.00 13.47 -0.10
N LEU B 29 0.37 14.02 -1.13
CA LEU B 29 -0.70 13.36 -1.87
C LEU B 29 -1.86 12.93 -1.02
N THR B 30 -1.85 13.35 0.25
CA THR B 30 -2.96 13.04 1.11
C THR B 30 -4.13 13.69 0.37
N ASP B 31 -5.31 13.08 0.40
CA ASP B 31 -6.43 13.64 -0.36
C ASP B 31 -7.76 13.68 0.37
N VAL B 32 -7.71 13.74 1.70
CA VAL B 32 -8.93 13.79 2.49
C VAL B 32 -8.61 14.02 3.97
N VAL B 33 -9.62 14.46 4.73
CA VAL B 33 -9.49 14.71 6.16
C VAL B 33 -10.62 14.06 6.93
N ILE B 34 -10.29 13.18 7.87
CA ILE B 34 -11.32 12.54 8.65
C ILE B 34 -11.46 13.32 9.94
N VAL B 35 -12.66 13.83 10.19
CA VAL B 35 -12.97 14.61 11.37
C VAL B 35 -13.65 13.76 12.42
N VAL B 36 -13.06 13.72 13.61
CA VAL B 36 -13.61 12.95 14.71
C VAL B 36 -13.64 13.89 15.91
N SER B 37 -14.79 14.57 16.05
CA SER B 37 -14.98 15.56 17.11
C SER B 37 -14.09 16.76 16.73
N ARG B 38 -13.47 17.41 17.70
CA ARG B 38 -12.64 18.56 17.38
C ARG B 38 -11.40 18.19 16.56
N GLU B 39 -10.91 16.97 16.74
CA GLU B 39 -9.72 16.48 16.05
C GLU B 39 -9.89 16.05 14.59
N GLN B 40 -8.88 16.39 13.78
CA GLN B 40 -8.85 16.07 12.35
C GLN B 40 -7.66 15.18 12.01
N PHE B 41 -7.80 14.38 10.96
CA PHE B 41 -6.71 13.48 10.54
C PHE B 41 -6.59 13.44 9.04
N ARG B 42 -5.42 13.77 8.51
CA ARG B 42 -5.20 13.73 7.07
C ARG B 42 -4.72 12.32 6.69
N ALA B 43 -5.23 11.81 5.56
CA ALA B 43 -4.90 10.46 5.09
C ALA B 43 -5.13 10.28 3.59
N HIS B 44 -4.82 9.09 3.09
CA HIS B 44 -5.02 8.75 1.68
C HIS B 44 -6.25 7.86 1.60
N LYS B 45 -7.21 8.25 0.77
CA LYS B 45 -8.45 7.50 0.59
C LYS B 45 -8.27 6.02 0.26
N THR B 46 -7.34 5.73 -0.64
CA THR B 46 -7.08 4.36 -1.04
C THR B 46 -6.67 3.49 0.13
N VAL B 47 -5.89 4.06 1.04
CA VAL B 47 -5.43 3.31 2.20
C VAL B 47 -6.62 3.05 3.10
N LEU B 48 -7.42 4.09 3.31
CA LEU B 48 -8.59 3.95 4.15
C LEU B 48 -9.51 2.90 3.55
N MET B 49 -9.65 2.92 2.23
CA MET B 49 -10.50 1.95 1.54
C MET B 49 -9.99 0.51 1.66
N ALA B 50 -8.68 0.35 1.56
CA ALA B 50 -8.10 -0.96 1.64
C ALA B 50 -8.39 -1.60 2.98
N CYS B 51 -8.35 -0.79 4.04
CA CYS B 51 -8.53 -1.29 5.39
C CYS B 51 -9.92 -1.25 5.99
N SER B 52 -10.76 -0.32 5.54
CA SER B 52 -12.09 -0.18 6.15
C SER B 52 -13.27 -0.27 5.19
N GLY B 53 -14.24 -1.11 5.55
CA GLY B 53 -15.43 -1.28 4.74
C GLY B 53 -16.18 0.05 4.67
N LEU B 54 -16.30 0.70 5.83
CA LEU B 54 -16.98 1.99 5.91
C LEU B 54 -16.35 2.90 4.84
N PHE B 55 -15.06 3.17 4.99
CA PHE B 55 -14.39 4.02 4.03
C PHE B 55 -14.51 3.49 2.60
N TYR B 56 -14.53 2.16 2.43
CA TYR B 56 -14.66 1.60 1.11
C TYR B 56 -16.00 2.11 0.54
N SER B 57 -17.07 1.99 1.32
CA SER B 57 -18.40 2.45 0.92
C SER B 57 -18.51 3.97 0.70
N ILE B 58 -17.89 4.74 1.58
CA ILE B 58 -17.90 6.19 1.48
C ILE B 58 -17.27 6.69 0.19
N PHE B 59 -16.04 6.28 -0.09
CA PHE B 59 -15.39 6.75 -1.30
C PHE B 59 -15.83 5.99 -2.51
N THR B 60 -16.79 5.09 -2.30
CA THR B 60 -17.36 4.30 -3.39
C THR B 60 -18.69 4.98 -3.78
N ASP B 61 -19.20 5.80 -2.87
CA ASP B 61 -20.44 6.56 -3.05
C ASP B 61 -20.14 7.73 -3.98
N GLN B 62 -20.67 7.68 -5.21
CA GLN B 62 -20.43 8.74 -6.20
C GLN B 62 -20.58 10.15 -5.65
N LEU B 63 -21.44 10.30 -4.65
CA LEU B 63 -21.69 11.59 -4.02
C LEU B 63 -20.53 12.01 -3.12
N LYS B 64 -20.42 11.34 -1.98
CA LYS B 64 -19.37 11.65 -1.02
C LYS B 64 -18.06 11.00 -1.43
N ARG B 65 -17.87 10.85 -2.75
CA ARG B 65 -16.67 10.24 -3.29
C ARG B 65 -15.53 11.22 -3.45
N ASN B 66 -15.85 12.45 -3.83
CA ASN B 66 -14.81 13.44 -4.06
C ASN B 66 -14.62 14.46 -2.95
N LEU B 67 -15.41 14.36 -1.90
CA LEU B 67 -15.28 15.29 -0.79
C LEU B 67 -13.87 15.15 -0.23
N SER B 68 -13.33 16.25 0.30
CA SER B 68 -12.01 16.24 0.87
C SER B 68 -12.10 16.27 2.39
N VAL B 69 -13.32 16.03 2.90
CA VAL B 69 -13.59 16.01 4.34
C VAL B 69 -14.75 15.09 4.69
N ILE B 70 -14.54 14.22 5.68
CA ILE B 70 -15.56 13.29 6.12
C ILE B 70 -15.71 13.38 7.62
N ASN B 71 -16.94 13.42 8.09
CA ASN B 71 -17.20 13.53 9.52
C ASN B 71 -17.82 12.25 10.08
N LEU B 72 -17.32 11.83 11.25
CA LEU B 72 -17.84 10.62 11.88
C LEU B 72 -18.68 10.99 13.11
N ASP B 73 -19.47 10.03 13.58
CA ASP B 73 -20.30 10.26 14.77
C ASP B 73 -19.39 10.88 15.84
N PRO B 74 -19.85 11.96 16.48
CA PRO B 74 -19.08 12.64 17.52
C PRO B 74 -18.77 11.81 18.75
N GLU B 75 -19.42 10.67 18.90
CA GLU B 75 -19.17 9.81 20.06
C GLU B 75 -17.98 8.90 19.79
N ILE B 76 -17.45 8.97 18.57
CA ILE B 76 -16.28 8.18 18.17
C ILE B 76 -15.06 8.86 18.76
N ASN B 77 -14.48 8.30 19.83
CA ASN B 77 -13.33 8.95 20.45
C ASN B 77 -12.06 8.89 19.61
N PRO B 78 -11.46 10.06 19.37
CA PRO B 78 -10.24 10.30 18.59
C PRO B 78 -9.06 9.36 18.87
N GLU B 79 -8.83 9.04 20.14
CA GLU B 79 -7.71 8.16 20.48
C GLU B 79 -7.93 6.79 19.85
N GLY B 80 -9.13 6.23 20.09
CA GLY B 80 -9.46 4.93 19.53
C GLY B 80 -9.29 4.94 18.02
N PHE B 81 -9.73 6.02 17.38
CA PHE B 81 -9.60 6.15 15.93
C PHE B 81 -8.16 6.27 15.46
N ASN B 82 -7.39 7.10 16.17
CA ASN B 82 -5.99 7.34 15.83
C ASN B 82 -5.16 6.05 15.93
N ILE B 83 -5.46 5.22 16.92
CA ILE B 83 -4.77 3.95 17.10
C ILE B 83 -5.01 3.02 15.90
N LEU B 84 -6.24 3.02 15.39
CA LEU B 84 -6.64 2.24 14.20
C LEU B 84 -6.05 2.84 12.92
N LEU B 85 -5.96 4.16 12.87
CA LEU B 85 -5.43 4.81 11.69
C LEU B 85 -3.95 4.47 11.57
N ASP B 86 -3.26 4.49 12.70
CA ASP B 86 -1.85 4.16 12.79
C ASP B 86 -1.67 2.75 12.30
N PHE B 87 -2.43 1.85 12.91
CA PHE B 87 -2.44 0.45 12.56
C PHE B 87 -2.53 0.27 11.05
N MET B 88 -3.44 1.01 10.41
CA MET B 88 -3.66 0.96 8.98
C MET B 88 -2.37 1.17 8.20
N TYR B 89 -1.62 2.20 8.60
CA TYR B 89 -0.37 2.55 7.94
C TYR B 89 0.91 1.89 8.42
N THR B 90 0.83 1.06 9.47
CA THR B 90 2.02 0.41 10.02
C THR B 90 1.92 -1.08 10.35
N SER B 91 0.72 -1.67 10.31
CA SER B 91 0.50 -3.09 10.66
C SER B 91 0.54 -3.33 12.18
N ARG B 92 0.81 -2.27 12.95
CA ARG B 92 0.89 -2.37 14.40
C ARG B 92 -0.29 -1.68 15.07
N LEU B 93 -0.85 -2.37 16.06
CA LEU B 93 -2.00 -1.88 16.81
C LEU B 93 -1.55 -1.70 18.26
N ASN B 94 -1.56 -0.45 18.73
CA ASN B 94 -1.15 -0.15 20.11
C ASN B 94 -2.32 -0.13 21.07
N LEU B 95 -2.29 -1.04 22.04
CA LEU B 95 -3.39 -1.15 23.01
C LEU B 95 -2.98 -1.05 24.49
N ARG B 96 -3.77 -0.28 25.23
CA ARG B 96 -3.57 -0.11 26.66
C ARG B 96 -4.80 -0.76 27.27
N GLU B 97 -4.62 -1.35 28.43
CA GLU B 97 -5.71 -2.03 29.11
C GLU B 97 -6.94 -1.15 29.28
N GLY B 98 -6.76 0.16 29.17
CA GLY B 98 -7.88 1.07 29.33
C GLY B 98 -8.55 1.53 28.05
N ASN B 99 -7.93 1.34 26.90
CA ASN B 99 -8.55 1.79 25.64
C ASN B 99 -8.89 0.66 24.67
N ILE B 100 -8.61 -0.57 25.06
CA ILE B 100 -8.89 -1.70 24.19
C ILE B 100 -10.37 -1.76 23.81
N MET B 101 -11.27 -1.86 24.80
CA MET B 101 -12.70 -1.91 24.52
C MET B 101 -13.11 -0.78 23.60
N ALA B 102 -12.59 0.41 23.85
CA ALA B 102 -12.92 1.55 23.01
C ALA B 102 -12.52 1.26 21.57
N VAL B 103 -11.33 0.67 21.41
CA VAL B 103 -10.78 0.33 20.10
C VAL B 103 -11.67 -0.64 19.34
N MET B 104 -12.09 -1.70 20.02
CA MET B 104 -12.96 -2.71 19.40
C MET B 104 -14.22 -2.01 18.94
N ALA B 105 -14.78 -1.22 19.84
CA ALA B 105 -15.99 -0.46 19.56
C ALA B 105 -15.79 0.39 18.31
N THR B 106 -14.66 1.10 18.25
CA THR B 106 -14.36 1.97 17.10
C THR B 106 -14.18 1.19 15.79
N ALA B 107 -13.45 0.08 15.86
CA ALA B 107 -13.20 -0.73 14.69
C ALA B 107 -14.52 -1.28 14.14
N MET B 108 -15.43 -1.64 15.05
CA MET B 108 -16.76 -2.16 14.66
C MET B 108 -17.41 -1.12 13.76
N TYR B 109 -17.30 0.14 14.18
CA TYR B 109 -17.85 1.27 13.42
C TYR B 109 -17.21 1.37 12.03
N LEU B 110 -15.89 1.26 11.99
CA LEU B 110 -15.15 1.34 10.72
C LEU B 110 -15.24 0.06 9.89
N GLN B 111 -15.91 -0.95 10.42
CA GLN B 111 -16.06 -2.22 9.72
C GLN B 111 -14.70 -2.92 9.55
N MET B 112 -14.02 -3.12 10.68
CA MET B 112 -12.74 -3.78 10.74
C MET B 112 -12.92 -4.99 11.65
N GLU B 113 -13.65 -5.96 11.10
CA GLU B 113 -14.00 -7.20 11.78
C GLU B 113 -12.83 -8.02 12.26
N HIS B 114 -11.83 -8.17 11.39
CA HIS B 114 -10.65 -8.97 11.74
C HIS B 114 -9.95 -8.38 12.95
N VAL B 115 -9.80 -7.06 12.99
CA VAL B 115 -9.15 -6.41 14.12
C VAL B 115 -9.98 -6.61 15.41
N VAL B 116 -11.30 -6.52 15.28
CA VAL B 116 -12.18 -6.73 16.44
C VAL B 116 -12.02 -8.15 16.94
N ASP B 117 -11.98 -9.10 16.01
CA ASP B 117 -11.82 -10.50 16.36
C ASP B 117 -10.46 -10.79 17.00
N THR B 118 -9.42 -10.08 16.54
CA THR B 118 -8.09 -10.28 17.09
C THR B 118 -8.07 -9.78 18.54
N CYS B 119 -8.75 -8.68 18.78
CA CYS B 119 -8.83 -8.15 20.12
C CYS B 119 -9.58 -9.13 21.03
N ARG B 120 -10.66 -9.71 20.51
CA ARG B 120 -11.41 -10.68 21.30
C ARG B 120 -10.42 -11.77 21.72
N LYS B 121 -9.71 -12.31 20.73
CA LYS B 121 -8.74 -13.37 20.98
C LYS B 121 -7.72 -12.92 22.02
N PHE B 122 -7.44 -11.62 22.03
CA PHE B 122 -6.49 -11.05 22.97
C PHE B 122 -6.99 -11.13 24.41
N ILE B 123 -8.20 -10.65 24.61
CA ILE B 123 -8.79 -10.66 25.94
C ILE B 123 -8.90 -12.05 26.53
N LYS B 124 -9.09 -13.05 25.70
CA LYS B 124 -9.21 -14.43 26.19
C LYS B 124 -7.94 -14.95 26.86
N ALA B 125 -6.85 -14.23 26.69
CA ALA B 125 -5.58 -14.60 27.31
C ALA B 125 -5.28 -13.54 28.37
N SER B 126 -5.40 -12.27 28.00
CA SER B 126 -5.15 -11.16 28.92
C SER B 126 -6.45 -10.63 29.52
N GLY C 1 4.29 -23.75 -22.87
CA GLY C 1 4.41 -22.96 -21.63
C GLY C 1 5.30 -23.68 -20.64
N SER C 2 5.44 -23.11 -19.43
CA SER C 2 6.31 -23.69 -18.42
C SER C 2 5.89 -23.47 -16.97
N LEU C 3 6.43 -24.32 -16.10
CA LEU C 3 6.17 -24.23 -14.66
C LEU C 3 7.17 -23.23 -14.14
N VAL C 4 6.65 -22.12 -13.63
CA VAL C 4 7.46 -21.04 -13.15
C VAL C 4 8.36 -21.33 -11.96
N ALA C 5 9.65 -21.05 -12.15
CA ALA C 5 10.61 -21.23 -11.08
C ALA C 5 10.48 -20.00 -10.18
N THR C 6 10.41 -20.19 -8.87
CA THR C 6 10.33 -19.05 -7.99
C THR C 6 11.54 -19.04 -7.06
N VAL C 7 11.94 -17.85 -6.65
CA VAL C 7 13.04 -17.70 -5.73
C VAL C 7 12.66 -16.46 -4.93
N LYS C 8 13.14 -16.36 -3.70
CA LYS C 8 12.78 -15.20 -2.90
C LYS C 8 13.88 -14.16 -2.75
N GLU C 9 13.46 -12.91 -2.64
CA GLU C 9 14.38 -11.80 -2.41
C GLU C 9 13.96 -11.24 -1.06
N ALA C 10 14.86 -11.26 -0.09
CA ALA C 10 14.57 -10.78 1.24
C ALA C 10 14.94 -9.34 1.52
N GLY C 11 15.75 -8.75 0.66
CA GLY C 11 16.14 -7.37 0.89
C GLY C 11 15.08 -6.32 0.57
N ARG C 12 15.39 -5.06 0.87
CA ARG C 12 14.53 -3.93 0.59
C ARG C 12 14.26 -3.96 -0.92
N SER C 13 12.99 -3.78 -1.27
CA SER C 13 12.58 -3.85 -2.67
C SER C 13 12.51 -2.51 -3.41
N ILE C 14 12.47 -1.42 -2.67
CA ILE C 14 12.32 -0.12 -3.30
C ILE C 14 13.04 0.91 -2.47
N HIS C 15 13.11 2.13 -2.98
CA HIS C 15 13.77 3.17 -2.22
C HIS C 15 13.02 3.45 -0.94
N GLU C 16 13.72 4.01 0.04
CA GLU C 16 13.08 4.39 1.29
C GLU C 16 12.86 5.90 1.24
N ILE C 17 11.59 6.30 1.29
CA ILE C 17 11.21 7.71 1.28
C ILE C 17 11.53 8.26 2.66
N PRO C 18 12.34 9.33 2.71
CA PRO C 18 12.73 9.94 3.99
C PRO C 18 11.64 10.65 4.79
N ARG C 19 11.85 10.74 6.10
CA ARG C 19 10.88 11.43 6.97
C ARG C 19 10.89 12.93 6.63
N LEU D 3 8.46 -0.47 28.24
CA LEU D 3 8.44 -1.76 27.48
C LEU D 3 7.02 -2.29 27.31
N VAL D 4 6.68 -2.53 26.05
CA VAL D 4 5.38 -3.02 25.66
C VAL D 4 5.49 -4.51 25.35
N ALA D 5 4.44 -5.26 25.63
CA ALA D 5 4.42 -6.67 25.33
C ALA D 5 4.02 -6.71 23.85
N THR D 6 4.70 -7.56 23.10
CA THR D 6 4.42 -7.67 21.67
C THR D 6 3.67 -8.95 21.41
N VAL D 7 2.71 -8.88 20.50
CA VAL D 7 1.97 -10.08 20.17
C VAL D 7 1.79 -10.07 18.66
N LYS D 8 2.04 -11.21 18.05
CA LYS D 8 1.89 -11.33 16.62
C LYS D 8 0.58 -11.99 16.18
N GLU D 9 0.03 -11.47 15.07
CA GLU D 9 -1.18 -12.01 14.49
C GLU D 9 -0.82 -12.41 13.05
N ALA D 10 -1.09 -13.68 12.71
CA ALA D 10 -0.78 -14.19 11.37
C ALA D 10 -2.01 -14.21 10.44
N GLY D 11 -3.21 -14.00 10.99
CA GLY D 11 -4.42 -14.02 10.18
C GLY D 11 -4.68 -12.75 9.38
N ARG D 12 -5.61 -12.82 8.42
CA ARG D 12 -5.95 -11.68 7.58
C ARG D 12 -6.26 -10.50 8.49
N SER D 13 -5.70 -9.33 8.16
CA SER D 13 -5.90 -8.16 8.98
C SER D 13 -7.08 -7.27 8.63
N ILE D 14 -7.57 -7.36 7.41
CA ILE D 14 -8.63 -6.46 6.95
C ILE D 14 -9.53 -7.17 5.94
N HIS D 15 -10.63 -6.51 5.57
CA HIS D 15 -11.53 -7.12 4.61
C HIS D 15 -10.78 -7.39 3.30
N GLU D 16 -11.30 -8.32 2.52
CA GLU D 16 -10.72 -8.60 1.22
C GLU D 16 -11.64 -7.95 0.18
N ILE D 17 -11.07 -7.06 -0.62
CA ILE D 17 -11.87 -6.39 -1.65
C ILE D 17 -11.87 -7.34 -2.84
N PRO D 18 -13.04 -7.90 -3.16
CA PRO D 18 -13.12 -8.84 -4.29
C PRO D 18 -12.71 -8.25 -5.64
N ARG D 19 -12.36 -9.13 -6.57
CA ARG D 19 -11.97 -8.74 -7.92
C ARG D 19 -13.18 -8.23 -8.71
#